data_6DCH
#
_entry.id   6DCH
#
_cell.length_a   62.100
_cell.length_b   62.100
_cell.length_c   167.850
_cell.angle_alpha   90.000
_cell.angle_beta   90.000
_cell.angle_gamma   90.000
#
_symmetry.space_group_name_H-M   'P 43 21 2'
#
loop_
_entity.id
_entity.type
_entity.pdbx_description
1 polymer 'ScoE protein'
2 non-polymer 'ACETATE ION'
3 non-polymer 'CHLORIDE ION'
4 non-polymer 'ZINC ION'
5 non-polymer 'CHOLINE ION'
6 water water
#
_entity_poly.entity_id   1
_entity_poly.type   'polypeptide(L)'
_entity_poly.pdbx_seq_one_letter_code
;MKETAAAKFERQHMDSPDLGTGGGSGIEGRMQIDEQPGNAIGAAVEGFDHATASDADIDALKSTIYTKKIAVLKGQDLSP
QQFLALGKRLGRPEAYYEPMYQHPEVTEIFVSSNVPENGKQIGVPKTGKFWHADYQFMPDPFGITLIYPQVIPEKNRGTY
FIDMGRAYDRLPEDLKKEISGTYCRHSVRKYFKIRPHDVYRPISEIIEEVERKTPAVVQPTTFTHPMTGETVLYISEGFT
VGIEDQDGKPLDEELLKRLFDATGQLDESFEHDNIHLQSFEQGDLLVWDNRSLIHRARHTTTPEPTVSYRVTVHDERKLH
DGIQAA
;
_entity_poly.pdbx_strand_id   A
#
loop_
_chem_comp.id
_chem_comp.type
_chem_comp.name
_chem_comp.formula
ACT non-polymer 'ACETATE ION' 'C2 H3 O2 -1'
CHT non-polymer 'CHOLINE ION' 'C5 H14 N O 1'
CL non-polymer 'CHLORIDE ION' 'Cl -1'
ZN non-polymer 'ZINC ION' 'Zn 2'
#
# COMPACT_ATOMS: atom_id res chain seq x y z
N GLU A 28 8.47 27.65 2.30
CA GLU A 28 9.22 27.05 3.41
C GLU A 28 9.33 28.02 4.57
N GLY A 29 10.07 27.59 5.60
CA GLY A 29 10.26 28.36 6.80
C GLY A 29 9.71 27.74 8.06
N ARG A 30 9.12 26.54 7.99
CA ARG A 30 8.58 25.94 9.20
C ARG A 30 8.40 24.42 9.16
N MET A 31 8.45 23.78 7.98
CA MET A 31 8.35 22.32 7.94
C MET A 31 9.53 21.70 8.66
N GLN A 32 9.26 20.79 9.60
CA GLN A 32 10.30 20.14 10.38
C GLN A 32 10.08 18.63 10.36
N ILE A 33 11.05 17.90 9.83
CA ILE A 33 10.98 16.44 9.78
C ILE A 33 11.79 15.87 10.95
N ASP A 34 11.17 14.96 11.70
CA ASP A 34 11.84 14.27 12.80
C ASP A 34 11.87 12.77 12.48
N GLU A 35 13.02 12.29 12.03
CA GLU A 35 13.19 10.89 11.64
C GLU A 35 13.47 10.03 12.87
N GLN A 36 12.89 8.83 12.89
CA GLN A 36 13.19 7.88 13.93
C GLN A 36 14.68 7.53 13.89
N PRO A 37 15.31 7.26 15.04
CA PRO A 37 16.76 7.07 15.05
C PRO A 37 17.17 5.78 14.37
N GLY A 38 18.30 5.84 13.65
CA GLY A 38 18.96 4.67 13.10
C GLY A 38 18.17 3.94 12.03
N ASN A 39 17.93 2.65 12.27
CA ASN A 39 17.17 1.81 11.35
C ASN A 39 15.70 1.72 11.72
N ALA A 40 15.26 2.40 12.76
CA ALA A 40 13.85 2.37 13.12
C ALA A 40 13.01 3.02 12.02
N ILE A 41 11.91 2.35 11.63
CA ILE A 41 11.06 2.87 10.58
C ILE A 41 10.32 4.13 11.04
N GLY A 42 10.08 5.05 10.11
CA GLY A 42 9.11 6.09 10.35
C GLY A 42 9.75 7.47 10.62
N ALA A 43 8.93 8.51 10.41
CA ALA A 43 9.29 9.88 10.69
C ALA A 43 8.01 10.67 10.95
N ALA A 44 8.12 11.70 11.78
CA ALA A 44 7.03 12.66 11.98
C ALA A 44 7.38 13.99 11.32
N VAL A 45 6.39 14.63 10.70
CA VAL A 45 6.60 15.90 9.99
C VAL A 45 5.64 16.93 10.57
N GLU A 46 6.20 17.98 11.16
CA GLU A 46 5.43 19.06 11.75
C GLU A 46 5.50 20.30 10.86
N GLY A 47 4.47 21.14 10.97
CA GLY A 47 4.43 22.37 10.21
C GLY A 47 4.39 22.23 8.71
N PHE A 48 3.84 21.14 8.18
CA PHE A 48 3.74 20.96 6.74
C PHE A 48 2.45 21.59 6.24
N ASP A 49 2.59 22.52 5.30
CA ASP A 49 1.46 23.15 4.60
C ASP A 49 1.71 22.93 3.11
N HIS A 50 0.88 22.08 2.50
CA HIS A 50 1.12 21.68 1.11
C HIS A 50 1.00 22.85 0.15
N ALA A 51 0.25 23.89 0.53
CA ALA A 51 0.08 25.03 -0.36
C ALA A 51 1.26 25.97 -0.38
N THR A 52 2.12 25.93 0.64
CA THR A 52 3.23 26.87 0.76
C THR A 52 4.60 26.19 0.88
N ALA A 53 4.66 24.86 0.99
CA ALA A 53 5.95 24.19 1.08
C ALA A 53 6.81 24.54 -0.13
N SER A 54 8.11 24.71 0.10
CA SER A 54 9.02 25.01 -0.99
C SER A 54 9.33 23.77 -1.80
N ASP A 55 10.02 23.97 -2.91
CA ASP A 55 10.47 22.83 -3.70
C ASP A 55 11.44 21.96 -2.89
N ALA A 56 12.36 22.60 -2.15
CA ALA A 56 13.30 21.87 -1.33
C ALA A 56 12.62 21.14 -0.18
N ASP A 57 11.54 21.71 0.35
CA ASP A 57 10.73 21.00 1.35
C ASP A 57 10.18 19.69 0.80
N ILE A 58 9.59 19.74 -0.40
CA ILE A 58 8.99 18.56 -0.99
C ILE A 58 10.06 17.52 -1.28
N ASP A 59 11.23 17.97 -1.75
CA ASP A 59 12.34 17.05 -2.00
C ASP A 59 12.81 16.37 -0.72
N ALA A 60 12.88 17.13 0.38
CA ALA A 60 13.27 16.55 1.65
C ALA A 60 12.22 15.56 2.16
N LEU A 61 10.94 15.93 2.07
CA LEU A 61 9.87 15.02 2.47
C LEU A 61 9.93 13.72 1.66
N LYS A 62 10.19 13.82 0.35
CA LYS A 62 10.24 12.61 -0.47
C LYS A 62 11.44 11.74 -0.11
N SER A 63 12.61 12.34 0.11
CA SER A 63 13.75 11.57 0.59
C SER A 63 13.39 10.84 1.88
N THR A 64 12.65 11.51 2.77
CA THR A 64 12.26 10.87 4.03
C THR A 64 11.35 9.68 3.78
N ILE A 65 10.38 9.82 2.88
CA ILE A 65 9.50 8.69 2.54
C ILE A 65 10.32 7.52 2.01
N TYR A 66 11.27 7.77 1.11
CA TYR A 66 12.00 6.64 0.54
C TYR A 66 12.97 6.00 1.54
N THR A 67 13.45 6.74 2.53
CA THR A 67 14.43 6.18 3.46
C THR A 67 13.82 5.72 4.78
N LYS A 68 12.90 6.49 5.36
CA LYS A 68 12.22 6.07 6.58
C LYS A 68 10.91 5.34 6.32
N LYS A 69 10.47 5.28 5.06
CA LYS A 69 9.39 4.43 4.57
C LYS A 69 8.00 4.93 4.94
N ILE A 70 7.82 5.53 6.11
CA ILE A 70 6.52 6.06 6.51
C ILE A 70 6.72 7.46 7.09
N ALA A 71 6.11 8.47 6.49
CA ALA A 71 6.12 9.82 7.03
C ALA A 71 4.73 10.18 7.51
N VAL A 72 4.61 10.58 8.77
CA VAL A 72 3.34 10.99 9.34
C VAL A 72 3.29 12.51 9.37
N LEU A 73 2.48 13.10 8.50
CA LEU A 73 2.24 14.53 8.53
C LEU A 73 1.28 14.83 9.67
N LYS A 74 1.67 15.74 10.56
CA LYS A 74 0.88 16.04 11.74
C LYS A 74 0.01 17.28 11.52
N GLY A 75 -1.10 17.34 12.24
CA GLY A 75 -1.95 18.53 12.20
C GLY A 75 -2.50 18.89 10.85
N GLN A 76 -2.95 17.89 10.08
CA GLN A 76 -3.58 18.16 8.79
C GLN A 76 -5.09 18.19 8.98
N ASP A 77 -5.72 19.28 8.53
CA ASP A 77 -7.17 19.45 8.60
C ASP A 77 -7.60 19.88 7.20
N LEU A 78 -7.90 18.90 6.37
CA LEU A 78 -8.04 19.11 4.94
C LEU A 78 -9.41 18.67 4.47
N SER A 79 -9.98 19.43 3.56
CA SER A 79 -11.12 18.98 2.77
C SER A 79 -10.65 17.91 1.78
N PRO A 80 -11.58 17.14 1.20
CA PRO A 80 -11.18 16.18 0.15
C PRO A 80 -10.38 16.84 -0.95
N GLN A 81 -10.85 18.00 -1.41
CA GLN A 81 -10.13 18.80 -2.39
C GLN A 81 -8.71 19.14 -1.94
N GLN A 82 -8.54 19.56 -0.69
CA GLN A 82 -7.20 19.92 -0.21
C GLN A 82 -6.30 18.70 -0.07
N PHE A 83 -6.89 17.55 0.29
CA PHE A 83 -6.11 16.31 0.36
C PHE A 83 -5.56 15.95 -1.01
N LEU A 84 -6.38 16.02 -2.05
CA LEU A 84 -5.89 15.76 -3.39
C LEU A 84 -4.79 16.73 -3.78
N ALA A 85 -4.94 18.01 -3.42
CA ALA A 85 -3.91 19.01 -3.75
C ALA A 85 -2.58 18.68 -3.09
N LEU A 86 -2.64 18.21 -1.84
CA LEU A 86 -1.43 17.75 -1.15
C LEU A 86 -0.77 16.60 -1.91
N GLY A 87 -1.57 15.61 -2.32
CA GLY A 87 -1.02 14.52 -3.10
C GLY A 87 -0.38 14.98 -4.39
N LYS A 88 -0.98 15.98 -5.05
CA LYS A 88 -0.41 16.50 -6.28
C LYS A 88 0.96 17.17 -6.06
N ARG A 89 1.27 17.60 -4.83
CA ARG A 89 2.61 18.11 -4.55
C ARG A 89 3.67 17.01 -4.68
N LEU A 90 3.27 15.77 -4.45
CA LEU A 90 4.20 14.66 -4.39
C LEU A 90 4.29 13.87 -5.69
N GLY A 91 3.24 13.87 -6.49
CA GLY A 91 3.25 13.06 -7.69
C GLY A 91 1.92 13.18 -8.41
N ARG A 92 1.71 12.26 -9.36
CA ARG A 92 0.56 12.33 -10.23
C ARG A 92 -0.49 11.34 -9.74
N PRO A 93 -1.61 11.79 -9.18
CA PRO A 93 -2.59 10.87 -8.61
C PRO A 93 -3.23 10.01 -9.69
N GLU A 94 -3.61 8.80 -9.30
CA GLU A 94 -4.36 7.91 -10.17
C GLU A 94 -5.60 7.46 -9.43
N ALA A 95 -6.74 7.51 -10.12
CA ALA A 95 -8.00 7.08 -9.55
C ALA A 95 -8.10 5.57 -9.63
N TYR A 96 -8.75 4.98 -8.62
CA TYR A 96 -8.89 3.53 -8.56
C TYR A 96 -9.75 3.02 -9.70
N TYR A 97 -9.32 1.90 -10.30
CA TYR A 97 -9.92 1.44 -11.55
C TYR A 97 -11.36 0.94 -11.38
N GLU A 98 -11.78 0.64 -10.15
CA GLU A 98 -13.18 0.31 -9.91
C GLU A 98 -13.84 1.50 -9.24
N PRO A 99 -14.82 2.14 -9.89
CA PRO A 99 -15.28 3.44 -9.40
C PRO A 99 -16.20 3.39 -8.19
N MET A 100 -16.66 2.20 -7.76
CA MET A 100 -17.45 2.20 -6.53
C MET A 100 -16.62 2.62 -5.32
N TYR A 101 -15.28 2.57 -5.42
CA TYR A 101 -14.41 3.02 -4.33
C TYR A 101 -14.20 4.53 -4.32
N GLN A 102 -14.65 5.24 -5.34
CA GLN A 102 -14.28 6.65 -5.51
C GLN A 102 -15.15 7.60 -4.68
N HIS A 103 -14.51 8.61 -4.12
CA HIS A 103 -15.22 9.64 -3.37
C HIS A 103 -16.21 10.34 -4.30
N PRO A 104 -17.42 10.66 -3.82
CA PRO A 104 -18.44 11.25 -4.71
C PRO A 104 -18.05 12.57 -5.31
N GLU A 105 -17.21 13.38 -4.65
CA GLU A 105 -16.82 14.66 -5.20
C GLU A 105 -15.46 14.65 -5.89
N VAL A 106 -14.58 13.70 -5.55
CA VAL A 106 -13.19 13.69 -6.01
C VAL A 106 -12.88 12.27 -6.47
N THR A 107 -12.94 12.04 -7.79
CA THR A 107 -12.74 10.69 -8.33
C THR A 107 -11.40 10.08 -7.92
N GLU A 108 -10.38 10.92 -7.71
CA GLU A 108 -9.04 10.46 -7.39
C GLU A 108 -8.86 10.03 -5.95
N ILE A 109 -9.84 10.24 -5.07
CA ILE A 109 -9.77 9.75 -3.70
C ILE A 109 -10.49 8.42 -3.62
N PHE A 110 -9.81 7.43 -3.06
CA PHE A 110 -10.33 6.10 -2.74
C PHE A 110 -10.86 6.13 -1.31
N VAL A 111 -12.07 5.61 -1.10
CA VAL A 111 -12.73 5.73 0.20
C VAL A 111 -12.96 4.34 0.76
N SER A 112 -12.34 4.07 1.90
CA SER A 112 -12.63 2.91 2.71
C SER A 112 -13.52 3.37 3.88
N SER A 113 -14.75 2.85 3.95
CA SER A 113 -15.71 3.37 4.92
C SER A 113 -16.75 2.33 5.28
N ASN A 114 -17.03 2.18 6.58
CA ASN A 114 -18.22 1.45 7.00
C ASN A 114 -19.09 2.30 7.91
N VAL A 115 -19.13 3.61 7.67
CA VAL A 115 -20.01 4.55 8.34
C VAL A 115 -20.98 5.09 7.30
N PRO A 116 -22.25 4.70 7.32
CA PRO A 116 -23.21 5.27 6.37
C PRO A 116 -23.31 6.78 6.53
N GLU A 117 -23.45 7.46 5.40
CA GLU A 117 -23.64 8.91 5.36
C GLU A 117 -25.07 9.17 4.96
N ASN A 118 -25.87 9.66 5.91
CA ASN A 118 -27.32 9.79 5.73
C ASN A 118 -27.94 8.46 5.27
N GLY A 119 -27.49 7.36 5.86
CA GLY A 119 -27.97 6.04 5.51
C GLY A 119 -27.32 5.39 4.30
N LYS A 120 -26.50 6.12 3.54
CA LYS A 120 -25.97 5.62 2.28
C LYS A 120 -24.52 5.17 2.43
N GLN A 121 -24.15 4.17 1.64
CA GLN A 121 -22.80 3.64 1.66
C GLN A 121 -21.90 4.49 0.77
N ILE A 122 -20.88 5.09 1.36
CA ILE A 122 -19.87 5.87 0.65
C ILE A 122 -18.63 5.01 0.51
N GLY A 123 -18.07 4.91 -0.68
CA GLY A 123 -16.92 4.04 -0.85
C GLY A 123 -17.26 2.58 -0.53
N VAL A 124 -16.28 1.87 -0.01
CA VAL A 124 -16.38 0.42 0.18
C VAL A 124 -15.97 0.06 1.61
N PRO A 125 -16.68 -0.85 2.28
CA PRO A 125 -16.32 -1.25 3.64
C PRO A 125 -15.33 -2.40 3.68
N LYS A 126 -14.59 -2.45 4.79
CA LYS A 126 -13.72 -3.57 5.14
C LYS A 126 -12.69 -3.87 4.05
N THR A 127 -11.93 -2.84 3.68
CA THR A 127 -10.94 -3.02 2.63
C THR A 127 -9.56 -3.33 3.22
N GLY A 128 -8.74 -4.02 2.43
CA GLY A 128 -7.34 -4.24 2.75
C GLY A 128 -7.08 -5.14 3.95
N LYS A 129 -7.95 -6.12 4.19
CA LYS A 129 -7.79 -7.06 5.30
C LYS A 129 -6.91 -8.25 4.91
N PHE A 130 -5.74 -7.93 4.37
CA PHE A 130 -4.78 -8.91 3.86
C PHE A 130 -3.51 -8.16 3.50
N TRP A 131 -2.37 -8.85 3.60
CA TRP A 131 -1.10 -8.25 3.22
C TRP A 131 -1.07 -7.91 1.73
N HIS A 132 -0.67 -6.68 1.42
CA HIS A 132 -0.62 -6.28 0.02
C HIS A 132 0.21 -5.01 -0.12
N ALA A 133 0.68 -4.79 -1.33
CA ALA A 133 1.11 -3.48 -1.76
C ALA A 133 0.08 -2.96 -2.76
N ASP A 134 -0.13 -1.66 -2.78
CA ASP A 134 -1.21 -1.10 -3.60
C ASP A 134 -0.89 -1.21 -5.08
N TYR A 135 -1.90 -1.59 -5.86
CA TYR A 135 -1.80 -1.81 -7.30
C TYR A 135 -0.75 -2.84 -7.70
N GLN A 136 -0.35 -3.70 -6.77
CA GLN A 136 0.55 -4.80 -7.09
C GLN A 136 0.01 -5.71 -8.18
N PHE A 137 -1.30 -5.72 -8.38
CA PHE A 137 -1.95 -6.56 -9.38
C PHE A 137 -2.10 -5.86 -10.73
N MET A 138 -1.53 -4.67 -10.88
CA MET A 138 -1.62 -3.86 -12.09
C MET A 138 -0.26 -3.76 -12.76
N PRO A 139 -0.22 -3.53 -14.09
CA PRO A 139 1.07 -3.48 -14.78
C PRO A 139 1.98 -2.33 -14.35
N ASP A 140 1.43 -1.23 -13.82
CA ASP A 140 2.20 0.00 -13.61
C ASP A 140 1.88 0.59 -12.23
N PRO A 141 2.33 -0.05 -11.16
CA PRO A 141 1.97 0.43 -9.81
C PRO A 141 2.63 1.76 -9.48
N PHE A 142 1.90 2.59 -8.73
CA PHE A 142 2.42 3.87 -8.30
C PHE A 142 3.37 3.70 -7.11
N GLY A 143 4.22 4.70 -6.92
CA GLY A 143 5.27 4.60 -5.92
C GLY A 143 4.94 5.11 -4.52
N ILE A 144 3.90 5.92 -4.37
CA ILE A 144 3.60 6.52 -3.07
C ILE A 144 2.11 6.41 -2.76
N THR A 145 1.79 5.96 -1.56
CA THR A 145 0.42 5.90 -1.08
C THR A 145 0.25 6.93 0.03
N LEU A 146 -0.87 7.65 0.01
CA LEU A 146 -1.23 8.57 1.08
C LEU A 146 -2.56 8.14 1.69
N ILE A 147 -2.60 8.05 3.02
CA ILE A 147 -3.82 7.72 3.77
C ILE A 147 -4.13 8.87 4.73
N TYR A 148 -5.37 9.35 4.67
CA TYR A 148 -5.85 10.45 5.51
C TYR A 148 -7.02 9.93 6.34
N PRO A 149 -6.75 9.39 7.54
CA PRO A 149 -7.85 8.82 8.35
C PRO A 149 -8.89 9.88 8.72
N GLN A 150 -10.16 9.50 8.61
CA GLN A 150 -11.28 10.36 8.93
C GLN A 150 -11.98 9.94 10.22
N VAL A 151 -12.29 8.65 10.35
CA VAL A 151 -12.89 8.07 11.54
C VAL A 151 -11.97 6.95 11.97
N ILE A 152 -11.47 7.04 13.20
CA ILE A 152 -10.39 6.20 13.69
C ILE A 152 -10.90 5.37 14.87
N PRO A 153 -10.82 4.04 14.83
CA PRO A 153 -11.15 3.24 16.01
C PRO A 153 -10.39 3.73 17.24
N GLU A 154 -11.08 3.82 18.38
CA GLU A 154 -10.39 4.27 19.60
C GLU A 154 -9.39 3.24 20.08
N LYS A 155 -9.78 1.97 20.10
CA LYS A 155 -8.94 0.92 20.67
C LYS A 155 -8.17 0.14 19.62
N ASN A 156 -8.85 -0.38 18.60
CA ASN A 156 -8.21 -1.21 17.57
C ASN A 156 -7.77 -0.36 16.38
N ARG A 157 -6.97 0.66 16.61
CA ARG A 157 -6.55 1.53 15.52
C ARG A 157 -5.18 1.12 15.00
N GLY A 158 -4.91 1.49 13.75
CA GLY A 158 -3.60 1.35 13.16
C GLY A 158 -3.60 0.45 11.94
N THR A 159 -2.45 0.44 11.28
CA THR A 159 -2.19 -0.37 10.11
C THR A 159 -0.87 -1.09 10.31
N TYR A 160 -0.83 -2.38 9.98
CA TYR A 160 0.41 -3.16 10.06
C TYR A 160 1.21 -3.00 8.78
N PHE A 161 2.53 -2.96 8.92
CA PHE A 161 3.46 -2.78 7.80
C PHE A 161 4.59 -3.78 7.92
N ILE A 162 5.09 -4.22 6.77
CA ILE A 162 6.35 -4.95 6.66
C ILE A 162 7.17 -4.27 5.57
N ASP A 163 8.42 -3.96 5.89
CA ASP A 163 9.39 -3.43 4.93
C ASP A 163 10.02 -4.60 4.19
N MET A 164 9.67 -4.76 2.91
CA MET A 164 10.06 -5.94 2.17
C MET A 164 11.47 -5.86 1.61
N GLY A 165 12.15 -4.72 1.74
CA GLY A 165 13.58 -4.66 1.47
C GLY A 165 14.38 -5.16 2.67
N ARG A 166 14.01 -4.66 3.85
CA ARG A 166 14.57 -5.20 5.10
C ARG A 166 14.23 -6.68 5.26
N ALA A 167 13.00 -7.08 4.93
CA ALA A 167 12.64 -8.50 4.99
C ALA A 167 13.53 -9.32 4.07
N TYR A 168 13.79 -8.82 2.85
CA TYR A 168 14.69 -9.52 1.94
C TYR A 168 16.06 -9.71 2.56
N ASP A 169 16.62 -8.64 3.14
CA ASP A 169 17.97 -8.70 3.68
C ASP A 169 18.09 -9.74 4.79
N ARG A 170 17.01 -9.95 5.55
CA ARG A 170 16.99 -10.87 6.68
C ARG A 170 16.69 -12.31 6.27
N LEU A 171 16.41 -12.58 5.01
CA LEU A 171 16.24 -13.96 4.56
C LEU A 171 17.54 -14.74 4.71
N PRO A 172 17.45 -16.04 5.01
CA PRO A 172 18.63 -16.91 4.92
C PRO A 172 19.24 -16.84 3.53
N GLU A 173 20.57 -16.90 3.46
CA GLU A 173 21.26 -16.75 2.18
C GLU A 173 20.73 -17.75 1.13
N ASP A 174 20.44 -18.98 1.54
CA ASP A 174 19.96 -19.99 0.60
C ASP A 174 18.61 -19.61 0.00
N LEU A 175 17.73 -19.03 0.82
CA LEU A 175 16.45 -18.58 0.32
C LEU A 175 16.61 -17.44 -0.67
N LYS A 176 17.52 -16.48 -0.38
CA LYS A 176 17.86 -15.49 -1.40
C LYS A 176 18.30 -16.15 -2.70
N LYS A 177 19.10 -17.20 -2.60
CA LYS A 177 19.58 -17.87 -3.80
C LYS A 177 18.43 -18.52 -4.56
N GLU A 178 17.49 -19.13 -3.82
CA GLU A 178 16.41 -19.87 -4.46
C GLU A 178 15.52 -18.95 -5.28
N ILE A 179 15.34 -17.69 -4.86
CA ILE A 179 14.47 -16.77 -5.60
C ILE A 179 15.24 -15.92 -6.59
N SER A 180 16.57 -15.99 -6.60
CA SER A 180 17.35 -15.27 -7.59
C SER A 180 16.95 -15.72 -8.99
N GLY A 181 16.59 -14.77 -9.85
CA GLY A 181 16.18 -15.06 -11.21
C GLY A 181 14.74 -15.49 -11.39
N THR A 182 13.93 -15.50 -10.35
CA THR A 182 12.55 -15.94 -10.52
C THR A 182 11.63 -14.76 -10.81
N TYR A 183 10.39 -15.08 -11.17
CA TYR A 183 9.32 -14.13 -11.43
C TYR A 183 8.08 -14.52 -10.66
N CYS A 184 7.29 -13.51 -10.29
CA CYS A 184 6.04 -13.73 -9.58
C CYS A 184 4.86 -13.19 -10.37
N ARG A 185 3.71 -13.83 -10.20
CA ARG A 185 2.47 -13.43 -10.85
C ARG A 185 1.57 -12.84 -9.78
N HIS A 186 0.98 -11.68 -10.05
CA HIS A 186 0.15 -10.99 -9.07
C HIS A 186 -1.24 -10.77 -9.64
N SER A 187 -2.28 -10.99 -8.83
CA SER A 187 -3.66 -10.93 -9.30
C SER A 187 -4.59 -10.50 -8.19
N VAL A 188 -5.63 -9.74 -8.57
CA VAL A 188 -6.64 -9.25 -7.64
C VAL A 188 -7.75 -10.29 -7.48
N ARG A 189 -7.57 -11.46 -8.11
CA ARG A 189 -8.68 -12.40 -8.28
C ARG A 189 -9.24 -12.92 -6.96
N LYS A 190 -8.46 -12.94 -5.88
CA LYS A 190 -9.00 -13.46 -4.63
C LYS A 190 -9.84 -12.44 -3.89
N TYR A 191 -9.47 -11.18 -3.96
CA TYR A 191 -10.04 -10.19 -3.07
C TYR A 191 -10.95 -9.18 -3.77
N PHE A 192 -11.07 -9.26 -5.10
CA PHE A 192 -12.03 -8.47 -5.84
C PHE A 192 -13.40 -8.50 -5.17
N LYS A 193 -13.99 -7.32 -4.95
CA LYS A 193 -15.24 -7.24 -4.21
C LYS A 193 -16.44 -7.14 -5.14
N ILE A 194 -17.48 -7.91 -4.81
CA ILE A 194 -18.74 -7.84 -5.56
C ILE A 194 -19.30 -6.42 -5.54
N ARG A 195 -19.74 -5.97 -6.65
CA ARG A 195 -20.27 -4.63 -6.78
C ARG A 195 -21.80 -4.66 -6.88
N PRO A 196 -22.50 -3.57 -6.54
CA PRO A 196 -23.98 -3.61 -6.63
C PRO A 196 -24.49 -4.03 -7.99
N HIS A 197 -23.73 -3.73 -9.04
CA HIS A 197 -24.10 -4.08 -10.41
C HIS A 197 -23.99 -5.58 -10.67
N ASP A 198 -23.27 -6.31 -9.82
CA ASP A 198 -23.05 -7.75 -10.04
C ASP A 198 -24.20 -8.63 -9.55
N VAL A 199 -25.17 -8.09 -8.79
CA VAL A 199 -26.24 -8.92 -8.24
C VAL A 199 -27.01 -9.60 -9.37
N TYR A 200 -27.25 -10.90 -9.20
CA TYR A 200 -27.98 -11.81 -10.11
C TYR A 200 -27.10 -12.26 -11.28
N ARG A 201 -25.82 -11.86 -11.35
CA ARG A 201 -24.97 -12.44 -12.38
C ARG A 201 -24.43 -13.79 -11.94
N PRO A 202 -24.22 -14.72 -12.88
CA PRO A 202 -23.52 -15.96 -12.55
C PRO A 202 -22.09 -15.68 -12.14
N ILE A 203 -21.62 -16.43 -11.15
CA ILE A 203 -20.31 -16.13 -10.58
C ILE A 203 -19.20 -16.31 -11.61
N SER A 204 -19.35 -17.26 -12.54
CA SER A 204 -18.29 -17.48 -13.53
C SER A 204 -18.11 -16.28 -14.45
N GLU A 205 -19.19 -15.56 -14.75
CA GLU A 205 -19.09 -14.39 -15.61
C GLU A 205 -18.24 -13.31 -14.95
N ILE A 206 -18.35 -13.15 -13.63
CA ILE A 206 -17.56 -12.16 -12.91
C ILE A 206 -16.09 -12.60 -12.83
N ILE A 207 -15.86 -13.87 -12.51
CA ILE A 207 -14.51 -14.41 -12.51
C ILE A 207 -13.83 -14.14 -13.86
N GLU A 208 -14.53 -14.44 -14.96
CA GLU A 208 -13.96 -14.22 -16.29
C GLU A 208 -13.73 -12.73 -16.56
N GLU A 209 -14.66 -11.87 -16.14
CA GLU A 209 -14.48 -10.44 -16.30
C GLU A 209 -13.24 -9.95 -15.56
N VAL A 210 -13.00 -10.48 -14.35
CA VAL A 210 -11.83 -10.04 -13.61
C VAL A 210 -10.55 -10.44 -14.36
N GLU A 211 -10.52 -11.65 -14.93
CA GLU A 211 -9.34 -12.05 -15.68
C GLU A 211 -9.15 -11.19 -16.93
N ARG A 212 -10.25 -10.78 -17.56
CA ARG A 212 -10.16 -9.93 -18.75
C ARG A 212 -9.74 -8.51 -18.40
N LYS A 213 -10.35 -7.92 -17.36
CA LYS A 213 -10.10 -6.52 -17.05
C LYS A 213 -8.75 -6.35 -16.35
N THR A 214 -8.38 -7.29 -15.48
CA THR A 214 -7.15 -7.20 -14.69
C THR A 214 -6.43 -8.54 -14.76
N PRO A 215 -5.85 -8.87 -15.92
CA PRO A 215 -5.12 -10.13 -16.03
C PRO A 215 -3.96 -10.12 -15.06
N ALA A 216 -3.56 -11.32 -14.62
CA ALA A 216 -2.44 -11.42 -13.71
C ALA A 216 -1.20 -10.80 -14.34
N VAL A 217 -0.40 -10.12 -13.51
CA VAL A 217 0.77 -9.37 -13.96
C VAL A 217 2.01 -10.09 -13.48
N VAL A 218 3.00 -10.23 -14.36
CA VAL A 218 4.28 -10.85 -14.01
C VAL A 218 5.27 -9.75 -13.69
N GLN A 219 6.01 -9.96 -12.61
CA GLN A 219 7.09 -9.07 -12.19
C GLN A 219 8.27 -9.93 -11.78
N PRO A 220 9.48 -9.36 -11.81
CA PRO A 220 10.60 -10.03 -11.12
C PRO A 220 10.27 -10.19 -9.64
N THR A 221 10.64 -11.34 -9.09
CA THR A 221 10.39 -11.56 -7.66
C THR A 221 11.07 -10.49 -6.82
N THR A 222 12.29 -10.11 -7.18
CA THR A 222 12.98 -9.01 -6.54
C THR A 222 13.32 -7.94 -7.58
N PHE A 223 13.37 -6.69 -7.15
CA PHE A 223 13.80 -5.61 -8.03
C PHE A 223 14.59 -4.58 -7.21
N THR A 224 15.34 -3.73 -7.92
CA THR A 224 16.16 -2.72 -7.28
C THR A 224 15.33 -1.46 -7.10
N HIS A 225 15.23 -0.97 -5.88
CA HIS A 225 14.48 0.24 -5.60
C HIS A 225 15.11 1.43 -6.35
N PRO A 226 14.37 2.13 -7.21
CA PRO A 226 15.03 3.19 -8.01
C PRO A 226 15.58 4.34 -7.18
N MET A 227 15.01 4.61 -6.00
CA MET A 227 15.42 5.76 -5.21
C MET A 227 16.50 5.44 -4.19
N THR A 228 16.51 4.22 -3.65
CA THR A 228 17.46 3.84 -2.61
C THR A 228 18.50 2.82 -3.04
N GLY A 229 18.30 2.13 -4.16
CA GLY A 229 19.20 1.05 -4.55
C GLY A 229 18.99 -0.27 -3.85
N GLU A 230 18.09 -0.36 -2.87
CA GLU A 230 17.97 -1.61 -2.12
C GLU A 230 17.18 -2.66 -2.89
N THR A 231 17.49 -3.93 -2.63
CA THR A 231 16.73 -5.02 -3.23
C THR A 231 15.43 -5.24 -2.45
N VAL A 232 14.30 -5.21 -3.15
CA VAL A 232 12.97 -5.38 -2.55
C VAL A 232 12.40 -6.72 -2.95
N LEU A 233 11.89 -7.48 -1.98
CA LEU A 233 11.16 -8.72 -2.25
C LEU A 233 9.71 -8.34 -2.53
N TYR A 234 9.29 -8.34 -3.80
CA TYR A 234 7.98 -7.80 -4.18
C TYR A 234 6.94 -8.91 -4.24
N ILE A 235 6.47 -9.34 -3.08
CA ILE A 235 5.41 -10.33 -2.99
C ILE A 235 4.48 -9.94 -1.84
N SER A 236 3.24 -10.43 -1.92
CA SER A 236 2.31 -10.27 -0.82
C SER A 236 1.37 -11.47 -0.78
N GLU A 237 1.01 -11.87 0.43
CA GLU A 237 0.06 -12.97 0.56
C GLU A 237 -1.25 -12.67 -0.15
N GLY A 238 -1.63 -11.40 -0.20
CA GLY A 238 -2.93 -11.04 -0.77
C GLY A 238 -2.99 -11.12 -2.28
N PHE A 239 -1.94 -10.67 -2.96
CA PHE A 239 -1.99 -10.55 -4.41
C PHE A 239 -1.07 -11.50 -5.17
N THR A 240 -0.03 -12.04 -4.53
CA THR A 240 0.93 -12.87 -5.27
C THR A 240 0.43 -14.30 -5.32
N VAL A 241 0.10 -14.76 -6.52
CA VAL A 241 -0.59 -16.03 -6.71
C VAL A 241 0.30 -17.12 -7.29
N GLY A 242 1.50 -16.78 -7.76
CA GLY A 242 2.39 -17.83 -8.22
C GLY A 242 3.80 -17.31 -8.39
N ILE A 243 4.74 -18.24 -8.41
CA ILE A 243 6.14 -17.94 -8.68
C ILE A 243 6.62 -18.84 -9.82
N GLU A 244 7.47 -18.30 -10.69
CA GLU A 244 7.90 -18.93 -11.93
C GLU A 244 9.40 -18.81 -12.08
N ASP A 245 10.02 -19.77 -12.77
CA ASP A 245 11.46 -19.78 -12.86
C ASP A 245 11.94 -18.81 -13.95
N GLN A 246 13.27 -18.66 -14.04
CA GLN A 246 13.91 -17.79 -15.02
C GLN A 246 13.63 -18.23 -16.45
N ASP A 247 13.03 -19.41 -16.65
CA ASP A 247 12.53 -19.84 -17.95
C ASP A 247 11.02 -19.68 -18.10
N GLY A 248 10.33 -19.16 -17.09
CA GLY A 248 8.90 -18.94 -17.25
C GLY A 248 7.99 -20.09 -16.88
N LYS A 249 8.54 -21.20 -16.37
CA LYS A 249 7.74 -22.35 -15.96
C LYS A 249 7.36 -22.24 -14.49
N PRO A 250 6.11 -22.53 -14.15
CA PRO A 250 5.66 -22.38 -12.76
C PRO A 250 6.47 -23.23 -11.80
N LEU A 251 6.76 -22.66 -10.64
CA LEU A 251 7.40 -23.35 -9.55
C LEU A 251 6.35 -23.70 -8.49
N ASP A 252 6.62 -24.73 -7.71
CA ASP A 252 5.70 -25.13 -6.65
C ASP A 252 5.40 -23.97 -5.71
N GLU A 253 4.13 -23.78 -5.38
CA GLU A 253 3.76 -22.65 -4.54
C GLU A 253 4.19 -22.84 -3.10
N GLU A 254 4.76 -24.00 -2.76
CA GLU A 254 5.41 -24.17 -1.46
C GLU A 254 6.51 -23.13 -1.26
N LEU A 255 7.19 -22.72 -2.35
CA LEU A 255 8.21 -21.68 -2.25
C LEU A 255 7.59 -20.35 -1.78
N LEU A 256 6.44 -19.97 -2.35
CA LEU A 256 5.78 -18.74 -1.90
C LEU A 256 5.37 -18.83 -0.43
N LYS A 257 4.88 -19.99 0.00
CA LYS A 257 4.51 -20.15 1.40
C LYS A 257 5.71 -20.00 2.31
N ARG A 258 6.86 -20.53 1.89
CA ARG A 258 8.06 -20.39 2.71
C ARG A 258 8.53 -18.95 2.75
N LEU A 259 8.36 -18.20 1.65
CA LEU A 259 8.69 -16.79 1.65
C LEU A 259 7.72 -15.97 2.50
N PHE A 260 6.41 -16.24 2.36
CA PHE A 260 5.43 -15.61 3.24
C PHE A 260 5.76 -15.90 4.70
N ASP A 261 6.11 -17.15 4.99
CA ASP A 261 6.43 -17.53 6.37
C ASP A 261 7.68 -16.82 6.85
N ALA A 262 8.73 -16.79 6.03
CA ALA A 262 9.98 -16.15 6.46
C ALA A 262 9.79 -14.66 6.70
N THR A 263 8.96 -14.00 5.89
CA THR A 263 8.89 -12.55 5.99
C THR A 263 7.87 -12.06 7.01
N GLY A 264 7.14 -12.97 7.66
CA GLY A 264 6.21 -12.58 8.70
C GLY A 264 4.77 -12.48 8.28
N GLN A 265 4.44 -12.82 7.03
CA GLN A 265 3.10 -12.58 6.52
C GLN A 265 2.09 -13.66 6.93
N LEU A 266 2.54 -14.78 7.50
CA LEU A 266 1.62 -15.81 7.98
C LEU A 266 1.41 -15.77 9.48
N ASP A 267 2.03 -14.81 10.19
CA ASP A 267 1.91 -14.70 11.64
C ASP A 267 0.62 -13.94 11.98
N GLU A 268 -0.43 -14.69 12.34
CA GLU A 268 -1.71 -14.07 12.68
C GLU A 268 -1.71 -13.44 14.07
N SER A 269 -0.64 -13.62 14.85
CA SER A 269 -0.49 -12.89 16.10
C SER A 269 0.16 -11.53 15.90
N PHE A 270 0.75 -11.29 14.72
CA PHE A 270 1.40 -10.04 14.34
C PHE A 270 2.57 -9.69 15.24
N GLU A 271 3.21 -10.69 15.82
CA GLU A 271 4.34 -10.46 16.71
C GLU A 271 5.68 -10.63 16.03
N HIS A 272 5.69 -11.14 14.79
CA HIS A 272 6.93 -11.31 14.04
C HIS A 272 7.78 -10.05 14.04
N ASP A 273 9.10 -10.25 14.10
CA ASP A 273 10.02 -9.12 14.20
C ASP A 273 9.91 -8.16 13.01
N ASN A 274 9.48 -8.64 11.84
CA ASN A 274 9.38 -7.77 10.67
C ASN A 274 8.20 -6.81 10.75
N ILE A 275 7.21 -7.09 11.60
CA ILE A 275 5.92 -6.40 11.54
C ILE A 275 5.99 -5.11 12.34
N HIS A 276 5.51 -4.02 11.73
CA HIS A 276 5.42 -2.72 12.37
C HIS A 276 3.96 -2.30 12.45
N LEU A 277 3.49 -2.01 13.66
CA LEU A 277 2.15 -1.45 13.85
C LEU A 277 2.26 0.06 13.86
N GLN A 278 1.66 0.69 12.85
CA GLN A 278 1.65 2.15 12.73
C GLN A 278 0.32 2.65 13.28
N SER A 279 0.38 3.40 14.38
CA SER A 279 -0.81 4.02 14.91
C SER A 279 -0.93 5.46 14.41
N PHE A 280 -2.08 6.07 14.64
CA PHE A 280 -2.28 7.46 14.25
C PHE A 280 -3.39 8.06 15.09
N GLU A 281 -3.40 9.39 15.12
CA GLU A 281 -4.44 10.17 15.80
C GLU A 281 -5.06 11.14 14.80
N GLN A 282 -6.20 11.71 15.18
CA GLN A 282 -6.88 12.68 14.32
C GLN A 282 -5.93 13.80 13.88
N GLY A 283 -5.98 14.15 12.60
CA GLY A 283 -5.08 15.12 12.03
C GLY A 283 -3.83 14.52 11.40
N ASP A 284 -3.55 13.25 11.66
CA ASP A 284 -2.42 12.58 11.03
C ASP A 284 -2.75 12.25 9.58
N LEU A 285 -1.72 12.24 8.75
CA LEU A 285 -1.85 11.90 7.34
C LEU A 285 -0.60 11.09 7.01
N LEU A 286 -0.78 9.81 6.71
CA LEU A 286 0.33 8.90 6.45
C LEU A 286 0.69 8.91 4.98
N VAL A 287 1.99 8.98 4.71
CA VAL A 287 2.53 8.90 3.36
C VAL A 287 3.62 7.84 3.41
N TRP A 288 3.56 6.85 2.52
CA TRP A 288 4.55 5.79 2.62
C TRP A 288 5.01 5.30 1.25
N ASP A 289 6.12 4.56 1.29
CA ASP A 289 6.82 4.01 0.14
C ASP A 289 6.09 2.74 -0.27
N ASN A 290 5.31 2.83 -1.36
CA ASN A 290 4.54 1.70 -1.87
C ASN A 290 5.37 0.77 -2.75
N ARG A 291 6.65 1.05 -2.94
CA ARG A 291 7.54 0.03 -3.52
C ARG A 291 8.01 -0.94 -2.44
N SER A 292 8.46 -0.40 -1.30
CA SER A 292 9.14 -1.17 -0.28
C SER A 292 8.19 -1.87 0.68
N LEU A 293 7.02 -1.29 0.97
CA LEU A 293 6.20 -1.77 2.07
C LEU A 293 5.03 -2.61 1.57
N ILE A 294 4.64 -3.58 2.39
CA ILE A 294 3.31 -4.15 2.32
C ILE A 294 2.60 -3.79 3.61
N HIS A 295 1.28 -3.75 3.55
CA HIS A 295 0.49 -3.32 4.69
C HIS A 295 -0.80 -4.11 4.71
N ARG A 296 -1.53 -4.00 5.83
CA ARG A 296 -2.81 -4.66 5.99
C ARG A 296 -3.51 -4.09 7.21
N ALA A 297 -4.84 -4.14 7.18
CA ALA A 297 -5.65 -3.75 8.31
C ALA A 297 -5.54 -4.75 9.45
N ARG A 298 -5.86 -4.28 10.65
CA ARG A 298 -5.86 -5.18 11.79
C ARG A 298 -7.05 -6.13 11.73
N HIS A 299 -6.95 -7.22 12.50
CA HIS A 299 -8.11 -8.09 12.73
C HIS A 299 -9.27 -7.27 13.23
N THR A 300 -10.48 -7.62 12.80
CA THR A 300 -11.70 -6.99 13.28
C THR A 300 -12.09 -7.58 14.65
N THR A 301 -11.29 -7.25 15.65
CA THR A 301 -11.56 -7.74 16.99
C THR A 301 -12.57 -6.89 17.76
N THR A 302 -12.89 -5.69 17.26
CA THR A 302 -13.90 -4.82 17.85
C THR A 302 -14.84 -4.35 16.74
N PRO A 303 -16.02 -3.85 17.11
CA PRO A 303 -16.96 -3.33 16.11
C PRO A 303 -16.73 -1.87 15.71
N GLU A 304 -15.58 -1.29 16.06
CA GLU A 304 -15.36 0.14 15.84
C GLU A 304 -15.25 0.44 14.33
N PRO A 305 -15.84 1.53 13.87
CA PRO A 305 -15.82 1.84 12.45
C PRO A 305 -14.49 2.44 12.00
N THR A 306 -14.26 2.34 10.69
CA THR A 306 -13.11 2.93 10.03
C THR A 306 -13.59 3.72 8.82
N VAL A 307 -13.12 4.97 8.70
CA VAL A 307 -13.24 5.72 7.47
C VAL A 307 -11.88 6.31 7.15
N SER A 308 -11.35 6.00 5.98
CA SER A 308 -10.07 6.56 5.54
C SER A 308 -10.15 6.94 4.07
N TYR A 309 -9.49 8.05 3.73
CA TYR A 309 -9.37 8.52 2.35
C TYR A 309 -7.97 8.19 1.85
N ARG A 310 -7.88 7.64 0.63
CA ARG A 310 -6.60 7.22 0.07
C ARG A 310 -6.34 7.95 -1.25
N VAL A 311 -5.12 8.47 -1.41
CA VAL A 311 -4.66 9.07 -2.65
C VAL A 311 -3.36 8.37 -3.00
N THR A 312 -3.20 8.00 -4.27
CA THR A 312 -2.08 7.17 -4.71
C THR A 312 -1.44 7.84 -5.92
N VAL A 313 -0.14 8.13 -5.82
CA VAL A 313 0.51 9.00 -6.81
C VAL A 313 1.73 8.31 -7.41
N HIS A 314 1.93 8.54 -8.70
CA HIS A 314 3.15 8.18 -9.39
C HIS A 314 4.19 9.25 -9.16
N ASP A 315 5.40 8.85 -8.77
CA ASP A 315 6.47 9.83 -8.60
C ASP A 315 7.29 9.85 -9.89
N GLU A 316 8.56 10.29 -9.82
CA GLU A 316 9.32 10.55 -11.04
C GLU A 316 9.91 9.28 -11.67
N ARG A 317 9.78 8.11 -11.05
CA ARG A 317 10.28 6.88 -11.64
C ARG A 317 9.18 5.82 -11.64
N LYS A 318 9.28 4.87 -12.56
CA LYS A 318 8.39 3.72 -12.52
C LYS A 318 8.69 2.88 -11.29
N LEU A 319 7.82 1.89 -11.01
CA LEU A 319 7.99 1.07 -9.82
C LEU A 319 9.41 0.51 -9.74
N HIS A 320 9.88 -0.07 -10.85
CA HIS A 320 11.24 -0.53 -11.03
C HIS A 320 11.60 -0.30 -12.50
N ASP A 321 12.89 -0.38 -12.82
CA ASP A 321 13.29 0.09 -14.14
C ASP A 321 12.88 -0.85 -15.27
N GLY A 322 12.40 -2.05 -14.96
CA GLY A 322 11.90 -2.92 -16.01
C GLY A 322 10.47 -2.71 -16.42
N ILE A 323 9.75 -1.79 -15.77
CA ILE A 323 8.33 -1.58 -16.08
C ILE A 323 8.17 -1.06 -17.50
C ACT B . -5.56 0.05 1.56
O ACT B . -5.13 -0.75 2.42
OXT ACT B . -4.88 0.39 0.57
CH3 ACT B . -6.78 0.86 1.90
CL CL C . -4.63 -1.00 -4.59
ZN ZN D . -3.42 -0.86 0.48
C4 CHT E . -9.66 -4.20 -3.02
C4 CHT E . -9.64 -4.25 -3.11
C5 CHT E . -8.28 -4.25 -2.37
C5 CHT E . -8.23 -4.35 -2.55
C6 CHT E . -6.90 -3.06 -4.02
C6 CHT E . -6.87 -3.05 -4.09
C7 CHT E . -8.19 -1.81 -2.39
C7 CHT E . -8.18 -1.89 -2.40
C8 CHT E . -6.22 -3.04 -1.69
C8 CHT E . -6.20 -3.15 -1.76
O6 CHT E . -9.91 -5.43 -3.67
O6 CHT E . -10.58 -3.83 -2.14
N1 CHT E . -7.40 -3.04 -2.61
N1 CHT E . -7.36 -3.11 -2.69
#